data_6BG8
#
_entry.id   6BG8
#
_cell.length_a   44.288
_cell.length_b   80.278
_cell.length_c   72.736
_cell.angle_alpha   90.000
_cell.angle_beta   105.519
_cell.angle_gamma   90.000
#
_symmetry.space_group_name_H-M   'P 1 21 1'
#
loop_
_entity.id
_entity.type
_entity.pdbx_description
1 polymer 'Ig domain protein, group 2 domain protein'
2 non-polymer 'SULFATE ION'
3 non-polymer GLYCEROL
4 non-polymer 'CHLORIDE ION'
5 non-polymer 'PHOSPHATE ION'
6 water water
#
_entity_poly.entity_id   1
_entity_poly.type   'polypeptide(L)'
_entity_poly.pdbx_seq_one_letter_code
;MNPLAPELGEVARFAMLASQAITTTSGSAIVDGDLGILDQARSYYAGFTPGVNAGEFDELTNGLSYAGDDSTPPYVVPVP
YASMVAFINQSRTDLGIAYNFLAADPNPNAATQVCPIELGNLTLTRGVYKTAADVTLQTGTLTLDGEGDPDSVFIFTIGG
NLTSGAPGGDIVLINGAQAKNIYWRTAGKTVIGTNTNFSGNVFAWSEVNVRTGANVTGRLFAVTDQVTLDANAVTKANLE
HHHHHH
;
_entity_poly.pdbx_strand_id   A,B
#
# COMPACT_ATOMS: atom_id res chain seq x y z
N MET A 1 34.84 0.92 5.16
CA MET A 1 35.39 1.11 3.83
C MET A 1 34.43 1.91 2.97
N ASN A 2 34.96 2.47 1.89
CA ASN A 2 34.14 3.21 0.94
C ASN A 2 33.04 2.31 0.41
N PRO A 3 31.78 2.74 0.39
CA PRO A 3 30.74 1.93 -0.24
C PRO A 3 31.02 1.72 -1.71
N LEU A 4 30.56 0.57 -2.21
CA LEU A 4 30.60 0.29 -3.64
C LEU A 4 29.43 1.01 -4.31
N ALA A 5 29.73 1.82 -5.33
CA ALA A 5 28.66 2.50 -6.04
C ALA A 5 27.95 1.54 -6.98
N PRO A 6 26.69 1.81 -7.30
CA PRO A 6 25.99 0.97 -8.28
C PRO A 6 26.57 1.12 -9.68
N GLU A 7 26.35 0.09 -10.48
N GLU A 7 26.32 0.11 -10.50
CA GLU A 7 26.61 0.15 -11.91
CA GLU A 7 26.66 0.17 -11.92
C GLU A 7 25.38 0.71 -12.59
C GLU A 7 25.44 0.64 -12.70
N LEU A 8 25.56 1.81 -13.34
CA LEU A 8 24.44 2.41 -14.04
C LEU A 8 24.27 1.89 -15.46
N GLY A 9 25.29 1.30 -16.04
CA GLY A 9 25.15 0.76 -17.38
C GLY A 9 24.75 1.86 -18.35
N GLU A 10 23.74 1.57 -19.16
CA GLU A 10 23.34 2.51 -20.21
C GLU A 10 22.74 3.78 -19.64
N VAL A 11 22.16 3.74 -18.43
CA VAL A 11 21.45 4.92 -17.96
C VAL A 11 22.38 5.98 -17.39
N ALA A 12 23.69 5.72 -17.33
CA ALA A 12 24.64 6.79 -16.98
C ALA A 12 24.53 7.98 -17.92
N ARG A 13 24.06 7.76 -19.15
CA ARG A 13 23.97 8.83 -20.14
C ARG A 13 22.86 9.83 -19.82
N PHE A 14 21.91 9.46 -18.98
CA PHE A 14 20.73 10.30 -18.79
C PHE A 14 20.94 11.31 -17.67
N ALA A 15 20.55 12.56 -17.93
CA ALA A 15 20.27 13.50 -16.86
C ALA A 15 18.93 13.17 -16.20
N MET A 16 17.94 12.77 -16.98
CA MET A 16 16.62 12.45 -16.46
C MET A 16 16.04 11.28 -17.23
N LEU A 17 15.41 10.36 -16.49
CA LEU A 17 14.86 9.16 -17.09
C LEU A 17 13.66 8.72 -16.27
N ALA A 18 12.54 8.47 -16.94
CA ALA A 18 11.32 8.09 -16.24
C ALA A 18 10.58 7.00 -17.02
N SER A 19 9.77 6.24 -16.30
CA SER A 19 8.91 5.25 -16.93
C SER A 19 7.80 5.92 -17.75
N GLN A 20 7.12 6.91 -17.17
CA GLN A 20 5.85 7.37 -17.72
C GLN A 20 5.93 8.73 -18.40
N ALA A 21 6.61 9.69 -17.79
CA ALA A 21 6.58 11.06 -18.32
C ALA A 21 7.72 11.87 -17.73
N ILE A 22 8.16 12.86 -18.50
CA ILE A 22 9.03 13.92 -18.01
C ILE A 22 8.38 15.23 -18.41
N THR A 23 8.14 16.10 -17.45
CA THR A 23 7.44 17.35 -17.70
C THR A 23 8.19 18.51 -17.08
N THR A 24 7.96 19.70 -17.64
CA THR A 24 8.54 20.93 -17.12
C THR A 24 7.57 22.09 -17.35
N THR A 25 7.60 23.01 -16.41
CA THR A 25 7.11 24.35 -16.66
C THR A 25 8.18 25.13 -17.43
N SER A 26 7.83 26.35 -17.83
CA SER A 26 8.81 27.14 -18.56
C SER A 26 9.97 27.53 -17.65
N GLY A 27 11.11 27.82 -18.25
CA GLY A 27 12.24 28.35 -17.50
C GLY A 27 13.27 27.33 -17.06
N SER A 28 13.20 26.09 -17.53
CA SER A 28 14.14 25.05 -17.16
C SER A 28 15.32 25.04 -18.13
N ALA A 29 16.46 24.54 -17.64
CA ALA A 29 17.67 24.41 -18.43
C ALA A 29 18.39 23.15 -18.02
N ILE A 30 18.43 22.14 -18.91
CA ILE A 30 19.07 20.86 -18.63
C ILE A 30 20.33 20.76 -19.49
N VAL A 31 21.41 20.23 -18.90
CA VAL A 31 22.74 20.27 -19.51
C VAL A 31 23.45 18.93 -19.32
N ASP A 32 24.14 18.48 -20.38
CA ASP A 32 25.16 17.44 -20.34
C ASP A 32 24.61 16.04 -20.12
N GLY A 33 23.31 15.85 -20.30
CA GLY A 33 22.73 14.51 -20.20
C GLY A 33 21.53 14.39 -21.12
N ASP A 34 21.13 13.14 -21.35
CA ASP A 34 19.99 12.81 -22.19
C ASP A 34 18.70 12.77 -21.37
N LEU A 35 17.58 12.80 -22.07
CA LEU A 35 16.25 12.60 -21.49
C LEU A 35 15.65 11.34 -22.08
N GLY A 36 14.98 10.57 -21.23
CA GLY A 36 14.32 9.37 -21.74
C GLY A 36 13.02 9.06 -21.04
N ILE A 37 12.04 8.58 -21.82
CA ILE A 37 10.81 7.99 -21.30
C ILE A 37 10.80 6.53 -21.75
N LEU A 38 10.57 5.62 -20.81
CA LEU A 38 10.76 4.20 -21.10
C LEU A 38 9.49 3.48 -21.53
N ASP A 39 8.32 3.87 -21.02
CA ASP A 39 7.13 3.04 -21.15
C ASP A 39 5.94 3.80 -21.70
N GLN A 40 6.18 4.96 -22.31
CA GLN A 40 5.14 5.71 -23.02
C GLN A 40 5.77 6.42 -24.22
N ALA A 41 4.92 6.87 -25.13
CA ALA A 41 5.39 7.55 -26.34
C ALA A 41 5.89 8.97 -26.02
N ARG A 42 6.58 9.56 -27.02
CA ARG A 42 7.10 10.92 -26.96
C ARG A 42 6.04 11.94 -26.57
N SER A 43 4.76 11.64 -26.82
CA SER A 43 3.69 12.56 -26.42
C SER A 43 3.64 12.77 -24.91
N TYR A 44 4.30 11.92 -24.13
CA TYR A 44 4.30 12.09 -22.69
C TYR A 44 5.37 13.04 -22.19
N TYR A 45 6.20 13.59 -23.08
CA TYR A 45 6.98 14.78 -22.77
C TYR A 45 6.04 15.99 -22.78
N ALA A 46 6.11 16.82 -21.73
CA ALA A 46 5.28 18.02 -21.66
C ALA A 46 6.11 19.22 -21.26
N GLY A 47 5.87 20.34 -21.92
CA GLY A 47 6.48 21.61 -21.57
C GLY A 47 7.77 21.93 -22.30
N PHE A 48 8.30 20.99 -23.08
CA PHE A 48 9.57 21.18 -23.78
C PHE A 48 9.33 21.71 -25.19
N THR A 49 10.39 22.26 -25.77
CA THR A 49 10.32 22.88 -27.10
C THR A 49 11.22 22.13 -28.07
N PRO A 50 10.66 21.34 -28.99
CA PRO A 50 11.51 20.65 -29.97
C PRO A 50 12.42 21.61 -30.70
N GLY A 51 13.68 21.22 -30.84
CA GLY A 51 14.68 22.05 -31.48
C GLY A 51 14.80 21.76 -32.97
N VAL A 52 15.94 22.18 -33.53
CA VAL A 52 16.16 22.07 -34.96
C VAL A 52 16.25 20.61 -35.38
N ASN A 53 17.02 19.82 -34.65
CA ASN A 53 17.26 18.42 -34.99
C ASN A 53 16.38 17.49 -34.16
N ALA A 54 15.97 16.40 -34.79
CA ALA A 54 15.08 15.43 -34.13
C ALA A 54 15.70 14.93 -32.84
N GLY A 55 14.94 15.05 -31.75
CA GLY A 55 15.38 14.66 -30.43
C GLY A 55 15.85 15.81 -29.58
N GLU A 56 16.23 16.92 -30.20
CA GLU A 56 16.66 18.10 -29.45
C GLU A 56 15.47 18.80 -28.81
N PHE A 57 15.72 19.35 -27.62
CA PHE A 57 14.84 20.31 -26.98
C PHE A 57 15.62 21.59 -26.77
N ASP A 58 14.96 22.74 -26.93
CA ASP A 58 15.64 24.01 -26.70
C ASP A 58 16.12 24.13 -25.25
N GLU A 59 15.43 23.48 -24.33
CA GLU A 59 15.74 23.49 -22.90
C GLU A 59 16.92 22.61 -22.55
N LEU A 60 17.46 21.87 -23.52
CA LEU A 60 18.41 20.80 -23.26
C LEU A 60 19.66 21.04 -24.10
N THR A 61 20.81 21.15 -23.45
CA THR A 61 22.05 21.33 -24.17
CA THR A 61 22.09 21.36 -24.10
C THR A 61 22.99 20.16 -23.88
N ASN A 62 23.71 19.74 -24.92
CA ASN A 62 24.61 18.58 -24.86
C ASN A 62 23.87 17.33 -24.42
N GLY A 63 22.71 17.11 -25.04
CA GLY A 63 21.91 15.93 -24.77
C GLY A 63 20.75 15.88 -25.74
N LEU A 64 20.14 14.70 -25.83
CA LEU A 64 18.96 14.50 -26.66
C LEU A 64 17.89 13.80 -25.84
N SER A 65 16.65 13.91 -26.31
CA SER A 65 15.53 13.21 -25.71
C SER A 65 15.16 11.98 -26.54
N TYR A 66 14.61 10.97 -25.86
CA TYR A 66 14.37 9.66 -26.44
C TYR A 66 13.03 9.11 -25.98
N ALA A 67 12.31 8.47 -26.89
CA ALA A 67 11.15 7.67 -26.57
C ALA A 67 11.07 6.51 -27.56
N GLY A 68 10.40 5.44 -27.14
CA GLY A 68 10.41 4.22 -27.93
C GLY A 68 9.65 4.28 -29.24
N ASP A 69 8.73 5.23 -29.37
CA ASP A 69 8.05 5.42 -30.65
C ASP A 69 8.85 6.25 -31.64
N ASP A 70 10.01 6.77 -31.24
CA ASP A 70 10.83 7.59 -32.13
C ASP A 70 11.21 6.80 -33.37
N SER A 71 10.74 7.25 -34.54
CA SER A 71 11.03 6.56 -35.78
C SER A 71 12.32 7.10 -36.41
N THR A 72 12.96 6.23 -37.19
CA THR A 72 14.09 6.60 -38.03
C THR A 72 13.71 6.39 -39.48
N PRO A 73 13.64 7.44 -40.32
CA PRO A 73 13.82 8.86 -39.94
C PRO A 73 12.67 9.36 -39.08
N PRO A 74 12.86 10.51 -38.41
CA PRO A 74 14.04 11.36 -38.43
C PRO A 74 14.95 11.23 -37.20
N TYR A 75 14.54 10.45 -36.21
CA TYR A 75 15.33 10.30 -34.99
C TYR A 75 16.52 9.38 -35.22
N VAL A 76 17.48 9.42 -34.28
CA VAL A 76 18.76 8.72 -34.41
C VAL A 76 18.89 7.72 -33.27
N VAL A 77 19.01 6.45 -33.62
CA VAL A 77 19.18 5.40 -32.61
C VAL A 77 20.57 5.49 -32.00
N PRO A 78 20.70 5.52 -30.68
CA PRO A 78 22.04 5.54 -30.07
C PRO A 78 22.85 4.30 -30.44
N VAL A 79 24.13 4.54 -30.71
CA VAL A 79 25.10 3.47 -30.93
C VAL A 79 25.27 2.67 -29.64
N PRO A 80 25.43 1.34 -29.67
CA PRO A 80 25.48 0.44 -30.81
C PRO A 80 24.16 -0.28 -31.11
N TYR A 81 23.06 0.30 -30.65
CA TYR A 81 21.78 -0.43 -30.67
C TYR A 81 21.21 -0.53 -32.08
N ALA A 82 20.56 -1.66 -32.35
CA ALA A 82 19.98 -1.94 -33.66
C ALA A 82 18.69 -1.19 -33.90
N SER A 83 18.02 -0.76 -32.84
CA SER A 83 16.73 -0.11 -32.94
C SER A 83 16.53 0.74 -31.70
N MET A 84 15.61 1.70 -31.80
CA MET A 84 15.29 2.50 -30.62
C MET A 84 14.67 1.64 -29.53
N VAL A 85 13.84 0.65 -29.91
CA VAL A 85 13.26 -0.26 -28.94
C VAL A 85 14.36 -0.97 -28.15
N ALA A 86 15.41 -1.44 -28.84
CA ALA A 86 16.48 -2.13 -28.13
C ALA A 86 17.22 -1.19 -27.18
N PHE A 87 17.39 0.07 -27.58
CA PHE A 87 18.05 1.04 -26.70
C PHE A 87 17.21 1.28 -25.45
N ILE A 88 15.89 1.43 -25.62
CA ILE A 88 15.00 1.61 -24.49
C ILE A 88 15.01 0.36 -23.62
N ASN A 89 15.07 -0.83 -24.24
CA ASN A 89 15.06 -2.07 -23.47
C ASN A 89 16.25 -2.16 -22.53
N GLN A 90 17.44 -1.86 -23.05
CA GLN A 90 18.63 -1.92 -22.20
C GLN A 90 18.58 -0.85 -21.13
N SER A 91 18.07 0.35 -21.47
CA SER A 91 17.96 1.39 -20.48
C SER A 91 16.99 0.99 -19.38
N ARG A 92 15.85 0.39 -19.75
CA ARG A 92 14.88 -0.04 -18.74
C ARG A 92 15.49 -1.09 -17.81
N THR A 93 16.20 -2.07 -18.38
CA THR A 93 16.81 -3.12 -17.57
C THR A 93 17.86 -2.53 -16.64
N ASP A 94 18.74 -1.67 -17.17
CA ASP A 94 19.83 -1.14 -16.36
C ASP A 94 19.33 -0.21 -15.26
N LEU A 95 18.23 0.50 -15.50
CA LEU A 95 17.63 1.28 -14.42
C LEU A 95 17.20 0.36 -13.27
N GLY A 96 16.52 -0.73 -13.62
CA GLY A 96 16.06 -1.65 -12.60
C GLY A 96 17.20 -2.24 -11.80
N ILE A 97 18.30 -2.60 -12.49
CA ILE A 97 19.47 -3.15 -11.81
C ILE A 97 20.00 -2.15 -10.80
N ALA A 98 20.16 -0.89 -11.23
CA ALA A 98 20.77 0.11 -10.35
C ALA A 98 19.87 0.43 -9.15
N TYR A 99 18.56 0.59 -9.38
CA TYR A 99 17.66 0.82 -8.26
C TYR A 99 17.77 -0.33 -7.26
N ASN A 100 17.77 -1.57 -7.78
CA ASN A 100 17.84 -2.76 -6.92
C ASN A 100 19.14 -2.82 -6.15
N PHE A 101 20.25 -2.43 -6.78
CA PHE A 101 21.53 -2.38 -6.10
C PHE A 101 21.46 -1.45 -4.91
N LEU A 102 20.90 -0.25 -5.12
CA LEU A 102 20.84 0.74 -4.05
C LEU A 102 19.85 0.36 -2.97
N ALA A 103 18.77 -0.34 -3.33
CA ALA A 103 17.77 -0.75 -2.36
C ALA A 103 18.21 -1.92 -1.50
N ALA A 104 19.17 -2.71 -1.95
CA ALA A 104 19.52 -3.94 -1.24
C ALA A 104 20.45 -3.63 -0.07
N ASP A 105 20.16 -4.23 1.08
CA ASP A 105 20.96 -4.05 2.28
C ASP A 105 21.61 -5.36 2.68
N PRO A 106 22.91 -5.36 3.01
CA PRO A 106 23.80 -4.20 3.03
C PRO A 106 24.52 -4.00 1.71
N ASN A 107 25.10 -2.82 1.53
CA ASN A 107 26.04 -2.61 0.43
C ASN A 107 27.13 -3.69 0.46
N PRO A 108 27.62 -4.14 -0.70
CA PRO A 108 28.60 -5.23 -0.68
C PRO A 108 29.90 -4.91 0.06
N ASN A 109 30.29 -3.63 0.15
CA ASN A 109 31.60 -3.28 0.69
C ASN A 109 31.55 -2.37 1.91
N ALA A 110 30.37 -2.06 2.43
CA ALA A 110 30.29 -1.15 3.56
C ALA A 110 29.13 -1.52 4.46
N ALA A 111 29.32 -1.31 5.77
CA ALA A 111 28.28 -1.57 6.74
C ALA A 111 27.26 -0.43 6.75
N THR A 112 26.01 -0.79 6.99
CA THR A 112 24.91 0.17 6.98
C THR A 112 24.87 1.00 8.26
N GLN A 113 24.66 2.31 8.09
CA GLN A 113 24.45 3.25 9.18
C GLN A 113 23.00 3.74 9.17
N VAL A 114 22.60 4.32 10.29
CA VAL A 114 21.25 4.88 10.39
C VAL A 114 21.19 6.20 9.66
N CYS A 115 20.20 6.34 8.78
CA CYS A 115 19.89 7.62 8.15
C CYS A 115 18.97 8.41 9.07
N PRO A 116 19.38 9.59 9.55
CA PRO A 116 18.46 10.43 10.34
C PRO A 116 17.25 10.82 9.53
N ILE A 117 16.12 11.01 10.21
CA ILE A 117 14.92 11.39 9.45
C ILE A 117 14.87 12.88 9.12
N GLU A 118 15.74 13.68 9.73
CA GLU A 118 15.99 15.05 9.31
C GLU A 118 17.47 15.21 9.05
N LEU A 119 17.82 15.67 7.83
CA LEU A 119 19.21 15.78 7.42
C LEU A 119 19.75 17.20 7.48
N GLY A 120 18.92 18.19 7.80
CA GLY A 120 19.40 19.55 7.91
C GLY A 120 20.34 19.75 9.08
N ASN A 121 21.29 20.67 8.90
CA ASN A 121 22.29 21.06 9.91
C ASN A 121 23.21 19.93 10.30
N LEU A 122 23.31 18.89 9.46
CA LEU A 122 24.23 17.79 9.69
C LEU A 122 25.41 17.88 8.74
N THR A 123 26.54 17.34 9.19
CA THR A 123 27.68 17.06 8.33
C THR A 123 27.93 15.55 8.39
N LEU A 124 27.78 14.88 7.26
CA LEU A 124 27.92 13.43 7.19
C LEU A 124 29.12 13.04 6.34
N THR A 125 29.79 11.97 6.75
CA THR A 125 30.88 11.40 5.97
C THR A 125 30.35 10.29 5.06
N ARG A 126 31.23 9.75 4.24
N ARG A 126 31.24 9.76 4.23
CA ARG A 126 30.80 8.74 3.29
CA ARG A 126 30.87 8.71 3.28
C ARG A 126 30.27 7.51 4.00
C ARG A 126 30.27 7.51 4.02
N GLY A 127 29.46 6.74 3.30
CA GLY A 127 28.87 5.56 3.86
C GLY A 127 27.50 5.31 3.25
N VAL A 128 26.79 4.37 3.88
CA VAL A 128 25.46 3.93 3.49
C VAL A 128 24.52 4.25 4.64
N TYR A 129 23.51 5.08 4.38
CA TYR A 129 22.60 5.55 5.41
C TYR A 129 21.20 5.09 5.07
N LYS A 130 20.63 4.25 5.94
CA LYS A 130 19.36 3.57 5.68
C LYS A 130 18.33 3.95 6.74
N THR A 131 17.09 4.15 6.29
CA THR A 131 15.95 4.26 7.18
C THR A 131 14.74 3.75 6.43
N ALA A 132 13.78 3.19 7.18
CA ALA A 132 12.52 2.74 6.61
C ALA A 132 11.46 3.83 6.59
N ALA A 133 11.72 4.97 7.23
CA ALA A 133 10.74 6.04 7.34
C ALA A 133 10.94 7.04 6.20
N ASP A 134 10.22 8.16 6.26
CA ASP A 134 10.46 9.29 5.37
C ASP A 134 11.61 10.14 5.91
N VAL A 135 12.30 10.83 5.01
CA VAL A 135 13.40 11.71 5.37
C VAL A 135 13.11 13.11 4.85
N THR A 136 13.37 14.11 5.70
CA THR A 136 13.29 15.50 5.27
C THR A 136 14.64 16.16 5.38
N LEU A 137 14.87 17.13 4.50
CA LEU A 137 16.07 17.98 4.52
C LEU A 137 15.54 19.41 4.47
N GLN A 138 15.28 19.99 5.64
CA GLN A 138 14.64 21.31 5.65
C GLN A 138 15.09 22.23 6.78
N THR A 139 15.64 21.70 7.87
CA THR A 139 16.02 22.60 8.95
C THR A 139 17.25 23.43 8.62
N GLY A 140 17.98 23.04 7.59
CA GLY A 140 19.22 23.70 7.25
C GLY A 140 19.90 22.95 6.14
N THR A 141 21.21 23.12 6.06
CA THR A 141 22.01 22.56 4.99
C THR A 141 22.54 21.20 5.40
N LEU A 142 22.53 20.26 4.47
CA LEU A 142 23.25 19.01 4.64
C LEU A 142 24.62 19.16 4.00
N THR A 143 25.68 18.99 4.79
CA THR A 143 27.04 19.04 4.27
C THR A 143 27.56 17.61 4.15
N LEU A 144 28.05 17.26 2.96
CA LEU A 144 28.61 15.93 2.72
C LEU A 144 30.12 16.06 2.62
N ASP A 145 30.83 15.36 3.50
CA ASP A 145 32.26 15.55 3.75
C ASP A 145 33.00 14.32 3.22
N GLY A 146 33.70 14.48 2.11
CA GLY A 146 34.45 13.39 1.54
C GLY A 146 35.75 13.06 2.23
N GLU A 147 36.11 13.80 3.29
CA GLU A 147 37.30 13.55 4.10
C GLU A 147 38.58 13.55 3.27
N GLY A 148 38.58 14.29 2.17
CA GLY A 148 39.76 14.48 1.37
C GLY A 148 39.90 13.52 0.20
N ASP A 149 38.98 12.57 0.06
CA ASP A 149 39.04 11.55 -0.98
C ASP A 149 37.98 11.85 -2.02
N PRO A 150 38.35 12.26 -3.24
CA PRO A 150 37.33 12.54 -4.25
C PRO A 150 36.50 11.33 -4.65
N ASP A 151 36.92 10.13 -4.28
CA ASP A 151 36.20 8.90 -4.61
C ASP A 151 35.15 8.53 -3.57
N SER A 152 35.00 9.33 -2.51
CA SER A 152 34.08 8.97 -1.43
C SER A 152 32.65 8.85 -1.95
N VAL A 153 32.00 7.74 -1.59
CA VAL A 153 30.66 7.40 -2.04
C VAL A 153 29.68 7.58 -0.90
N PHE A 154 28.55 8.21 -1.18
CA PHE A 154 27.47 8.42 -0.21
C PHE A 154 26.21 7.80 -0.77
N ILE A 155 25.58 6.91 -0.01
CA ILE A 155 24.33 6.28 -0.43
C ILE A 155 23.31 6.53 0.67
N PHE A 156 22.18 7.13 0.30
CA PHE A 156 21.03 7.29 1.17
C PHE A 156 19.91 6.43 0.62
N THR A 157 19.44 5.49 1.43
CA THR A 157 18.46 4.52 0.95
C THR A 157 17.28 4.49 1.91
N ILE A 158 16.10 4.83 1.39
CA ILE A 158 15.01 5.36 2.18
C ILE A 158 13.72 4.62 1.86
N GLY A 159 13.06 4.08 2.89
CA GLY A 159 11.86 3.29 2.69
C GLY A 159 10.61 4.09 2.46
N GLY A 160 10.64 5.39 2.75
CA GLY A 160 9.52 6.25 2.44
C GLY A 160 9.89 7.28 1.39
N ASN A 161 9.48 8.53 1.62
CA ASN A 161 9.80 9.64 0.73
C ASN A 161 11.07 10.36 1.17
N LEU A 162 11.59 11.20 0.28
CA LEU A 162 12.64 12.16 0.58
C LEU A 162 12.16 13.53 0.12
N THR A 163 12.16 14.51 1.04
CA THR A 163 11.67 15.85 0.74
C THR A 163 12.63 16.89 1.29
N SER A 164 13.17 17.75 0.43
CA SER A 164 13.90 18.91 0.91
C SER A 164 13.01 20.14 0.76
N GLY A 165 13.24 21.12 1.61
CA GLY A 165 12.41 22.32 1.55
C GLY A 165 12.85 23.36 2.55
N ALA A 166 11.97 24.34 2.72
CA ALA A 166 12.26 25.52 3.52
C ALA A 166 12.25 25.20 5.01
N PRO A 167 13.03 25.93 5.82
CA PRO A 167 13.87 27.09 5.47
C PRO A 167 15.23 26.76 4.88
N GLY A 168 15.68 25.51 5.01
CA GLY A 168 16.97 25.14 4.50
C GLY A 168 16.86 24.38 3.18
N GLY A 169 17.38 23.15 3.16
CA GLY A 169 17.18 22.26 2.04
C GLY A 169 18.37 22.12 1.10
N ASP A 170 19.44 22.88 1.30
CA ASP A 170 20.57 22.80 0.39
C ASP A 170 21.50 21.66 0.78
N ILE A 171 22.20 21.14 -0.23
CA ILE A 171 23.29 20.18 -0.06
C ILE A 171 24.58 20.89 -0.44
N VAL A 172 25.55 20.87 0.47
CA VAL A 172 26.88 21.42 0.22
C VAL A 172 27.89 20.28 0.27
N LEU A 173 28.83 20.28 -0.67
CA LEU A 173 29.85 19.26 -0.78
C LEU A 173 31.19 19.85 -0.37
N ILE A 174 31.92 19.13 0.49
CA ILE A 174 33.25 19.56 0.90
C ILE A 174 34.21 18.39 0.85
N ASN A 175 35.50 18.73 0.76
CA ASN A 175 36.61 17.79 1.00
C ASN A 175 36.54 16.57 0.08
N GLY A 176 36.32 16.82 -1.21
CA GLY A 176 36.35 15.76 -2.21
C GLY A 176 35.01 15.18 -2.58
N ALA A 177 33.97 15.44 -1.79
CA ALA A 177 32.65 14.90 -2.12
C ALA A 177 32.20 15.45 -3.47
N GLN A 178 31.68 14.56 -4.32
CA GLN A 178 31.26 14.93 -5.66
C GLN A 178 29.86 14.43 -5.93
N ALA A 179 29.07 15.23 -6.68
CA ALA A 179 27.71 14.85 -7.02
C ALA A 179 27.65 13.47 -7.69
N LYS A 180 28.64 13.16 -8.53
CA LYS A 180 28.59 11.90 -9.26
C LYS A 180 28.70 10.68 -8.34
N ASN A 181 29.16 10.87 -7.11
CA ASN A 181 29.35 9.77 -6.15
C ASN A 181 28.31 9.77 -5.04
N ILE A 182 27.25 10.55 -5.15
CA ILE A 182 26.17 10.58 -4.18
C ILE A 182 24.93 9.94 -4.79
N TYR A 183 24.24 9.11 -4.01
CA TYR A 183 23.11 8.32 -4.50
C TYR A 183 21.97 8.40 -3.52
N TRP A 184 20.77 8.67 -4.03
CA TRP A 184 19.55 8.75 -3.23
C TRP A 184 18.57 7.73 -3.76
N ARG A 185 18.09 6.85 -2.90
CA ARG A 185 17.15 5.80 -3.28
C ARG A 185 15.93 5.92 -2.40
N THR A 186 14.76 6.16 -2.99
CA THR A 186 13.53 6.21 -2.22
C THR A 186 12.56 5.15 -2.72
N ALA A 187 11.96 4.39 -1.81
CA ALA A 187 10.84 3.53 -2.17
C ALA A 187 9.60 4.34 -2.47
N GLY A 188 9.52 5.54 -1.92
CA GLY A 188 8.50 6.51 -2.27
C GLY A 188 9.02 7.53 -3.26
N LYS A 189 8.52 8.75 -3.16
CA LYS A 189 8.91 9.79 -4.09
C LYS A 189 10.05 10.62 -3.51
N THR A 190 10.73 11.33 -4.41
CA THR A 190 11.72 12.33 -4.03
C THR A 190 11.23 13.71 -4.47
N VAL A 191 11.18 14.64 -3.53
CA VAL A 191 10.68 16.00 -3.77
C VAL A 191 11.79 16.97 -3.37
N ILE A 192 12.19 17.83 -4.30
CA ILE A 192 13.30 18.75 -4.11
C ILE A 192 12.74 20.17 -3.97
N GLY A 193 13.09 20.86 -2.88
CA GLY A 193 12.38 22.08 -2.51
C GLY A 193 12.73 23.28 -3.37
N THR A 194 11.82 24.25 -3.39
CA THR A 194 11.99 25.46 -4.21
C THR A 194 13.33 26.11 -3.92
N ASN A 195 14.01 26.51 -4.99
CA ASN A 195 15.20 27.35 -4.90
C ASN A 195 16.30 26.74 -4.04
N THR A 196 16.35 25.41 -3.95
CA THR A 196 17.43 24.75 -3.25
C THR A 196 18.53 24.32 -4.23
N ASN A 197 19.68 23.97 -3.67
CA ASN A 197 20.80 23.40 -4.41
C ASN A 197 20.92 21.94 -3.99
N PHE A 198 20.71 21.03 -4.94
CA PHE A 198 20.68 19.59 -4.70
C PHE A 198 21.79 18.91 -5.49
N SER A 199 22.42 17.89 -4.86
CA SER A 199 23.47 17.10 -5.49
C SER A 199 23.19 15.63 -5.33
N GLY A 200 23.37 14.86 -6.40
CA GLY A 200 23.30 13.41 -6.31
C GLY A 200 22.43 12.78 -7.38
N ASN A 201 22.53 11.46 -7.47
CA ASN A 201 21.75 10.66 -8.41
C ASN A 201 20.51 10.14 -7.69
N VAL A 202 19.34 10.60 -8.12
CA VAL A 202 18.09 10.26 -7.45
C VAL A 202 17.47 9.05 -8.17
N PHE A 203 17.25 7.97 -7.42
CA PHE A 203 16.52 6.79 -7.89
C PHE A 203 15.24 6.68 -7.07
N ALA A 204 14.18 7.34 -7.53
CA ALA A 204 12.88 7.27 -6.86
C ALA A 204 12.06 6.16 -7.49
N TRP A 205 11.50 5.28 -6.64
CA TRP A 205 10.70 4.20 -7.19
C TRP A 205 9.47 4.73 -7.91
N SER A 206 8.83 5.76 -7.33
CA SER A 206 7.64 6.33 -7.94
C SER A 206 7.99 7.52 -8.83
N GLU A 207 8.07 8.72 -8.26
CA GLU A 207 8.26 9.93 -9.06
C GLU A 207 9.25 10.87 -8.39
N VAL A 208 9.80 11.79 -9.18
CA VAL A 208 10.65 12.87 -8.70
C VAL A 208 9.95 14.18 -9.04
N ASN A 209 9.76 15.03 -8.03
CA ASN A 209 9.15 16.35 -8.24
C ASN A 209 10.15 17.39 -7.80
N VAL A 210 10.70 18.14 -8.77
CA VAL A 210 11.65 19.21 -8.49
C VAL A 210 10.87 20.52 -8.48
N ARG A 211 10.92 21.24 -7.37
CA ARG A 211 10.03 22.39 -7.19
C ARG A 211 10.71 23.66 -7.68
N THR A 212 9.91 24.72 -7.80
CA THR A 212 10.26 25.97 -8.48
C THR A 212 11.69 26.42 -8.20
N GLY A 213 12.50 26.52 -9.26
CA GLY A 213 13.79 27.18 -9.17
C GLY A 213 14.93 26.38 -8.57
N ALA A 214 14.70 25.15 -8.13
CA ALA A 214 15.79 24.35 -7.58
C ALA A 214 16.85 24.07 -8.64
N ASN A 215 18.09 23.95 -8.17
CA ASN A 215 19.25 23.61 -8.99
CA ASN A 215 19.24 23.60 -8.99
C ASN A 215 19.68 22.18 -8.66
N VAL A 216 19.76 21.32 -9.68
CA VAL A 216 20.14 19.93 -9.48
C VAL A 216 21.46 19.67 -10.20
N THR A 217 22.41 19.04 -9.51
CA THR A 217 23.61 18.50 -10.13
C THR A 217 23.63 17.01 -9.83
N GLY A 218 23.41 16.19 -10.85
CA GLY A 218 23.32 14.77 -10.61
C GLY A 218 22.51 14.09 -11.69
N ARG A 219 21.52 13.29 -11.29
CA ARG A 219 20.62 12.62 -12.22
C ARG A 219 19.27 12.44 -11.54
N LEU A 220 18.20 12.40 -12.34
CA LEU A 220 16.84 12.23 -11.81
C LEU A 220 16.17 11.05 -12.49
N PHE A 221 15.94 9.97 -11.74
CA PHE A 221 15.32 8.75 -12.24
C PHE A 221 14.01 8.51 -11.51
N ALA A 222 12.93 8.26 -12.26
CA ALA A 222 11.66 7.80 -11.71
C ALA A 222 11.40 6.41 -12.28
N VAL A 223 11.52 5.38 -11.44
CA VAL A 223 11.52 4.01 -11.97
C VAL A 223 10.17 3.63 -12.53
N THR A 224 9.07 4.01 -11.86
CA THR A 224 7.75 3.59 -12.30
C THR A 224 6.80 4.72 -12.68
N ASP A 225 7.17 5.98 -12.43
CA ASP A 225 6.25 7.05 -12.83
C ASP A 225 7.00 8.16 -13.56
N GLN A 226 7.13 9.33 -12.94
CA GLN A 226 7.45 10.53 -13.71
C GLN A 226 8.50 11.38 -13.02
N VAL A 227 9.19 12.19 -13.82
CA VAL A 227 10.02 13.27 -13.32
C VAL A 227 9.37 14.57 -13.73
N THR A 228 9.10 15.45 -12.77
CA THR A 228 8.52 16.76 -13.07
C THR A 228 9.48 17.85 -12.63
N LEU A 229 9.64 18.85 -13.50
CA LEU A 229 10.44 20.04 -13.25
C LEU A 229 9.56 21.28 -13.20
N ASP A 230 9.98 22.25 -12.41
CA ASP A 230 9.38 23.57 -12.35
C ASP A 230 10.54 24.57 -12.41
N ALA A 231 10.88 25.02 -13.62
CA ALA A 231 11.90 26.05 -13.84
C ALA A 231 13.21 25.72 -13.13
N ASN A 232 13.78 24.56 -13.49
CA ASN A 232 14.98 24.07 -12.82
C ASN A 232 16.18 24.08 -13.73
N ALA A 233 17.33 24.34 -13.15
CA ALA A 233 18.61 24.08 -13.81
C ALA A 233 19.09 22.70 -13.39
N VAL A 234 19.20 21.80 -14.35
CA VAL A 234 19.62 20.42 -14.09
C VAL A 234 20.88 20.15 -14.88
N THR A 235 21.96 19.79 -14.19
CA THR A 235 23.22 19.45 -14.84
C THR A 235 23.58 18.03 -14.50
N LYS A 236 23.82 17.20 -15.52
CA LYS A 236 24.19 15.82 -15.26
C LYS A 236 25.59 15.77 -14.65
N ALA A 237 25.74 14.95 -13.62
CA ALA A 237 27.05 14.76 -13.01
C ALA A 237 27.99 14.10 -14.00
N ASN A 238 29.24 14.56 -14.01
CA ASN A 238 30.24 14.03 -14.95
C ASN A 238 30.47 12.55 -14.69
N LEU A 239 30.78 11.84 -15.78
CA LEU A 239 31.04 10.40 -15.70
C LEU A 239 32.32 10.10 -14.91
N MET B 1 -2.13 -22.16 26.11
CA MET B 1 -1.57 -21.96 24.78
C MET B 1 -2.52 -21.13 23.93
N ASN B 2 -1.98 -20.57 22.86
CA ASN B 2 -2.79 -19.78 21.93
C ASN B 2 -3.89 -20.67 21.35
N PRO B 3 -5.15 -20.22 21.36
CA PRO B 3 -6.19 -21.04 20.73
C PRO B 3 -5.93 -21.24 19.25
N LEU B 4 -6.38 -22.39 18.75
CA LEU B 4 -6.37 -22.66 17.32
C LEU B 4 -7.54 -21.96 16.65
N ALA B 5 -7.24 -21.16 15.63
CA ALA B 5 -8.30 -20.46 14.91
C ALA B 5 -9.03 -21.43 13.98
N PRO B 6 -10.31 -21.16 13.67
CA PRO B 6 -11.01 -21.99 12.70
C PRO B 6 -10.42 -21.86 11.31
N GLU B 7 -10.63 -22.89 10.52
CA GLU B 7 -10.35 -22.85 9.09
C GLU B 7 -11.59 -22.28 8.39
N LEU B 8 -11.42 -21.19 7.64
CA LEU B 8 -12.56 -20.61 6.96
C LEU B 8 -12.71 -21.10 5.52
N GLY B 9 -11.71 -21.77 4.97
CA GLY B 9 -11.86 -22.29 3.62
C GLY B 9 -12.25 -21.18 2.66
N GLU B 10 -13.27 -21.44 1.85
CA GLU B 10 -13.64 -20.48 0.81
C GLU B 10 -14.21 -19.20 1.39
N VAL B 11 -14.76 -19.22 2.62
CA VAL B 11 -15.46 -18.02 3.09
C VAL B 11 -14.52 -16.97 3.67
N ALA B 12 -13.21 -17.24 3.71
CA ALA B 12 -12.28 -16.18 4.07
C ALA B 12 -12.43 -14.98 3.14
N ARG B 13 -12.87 -15.21 1.91
CA ARG B 13 -12.99 -14.15 0.92
C ARG B 13 -14.07 -13.14 1.25
N PHE B 14 -15.07 -13.52 2.06
CA PHE B 14 -16.25 -12.68 2.24
C PHE B 14 -16.05 -11.66 3.35
N ALA B 15 -16.46 -10.42 3.08
CA ALA B 15 -16.72 -9.48 4.16
C ALA B 15 -18.05 -9.80 4.84
N MET B 16 -19.03 -10.26 4.06
CA MET B 16 -20.37 -10.53 4.58
C MET B 16 -20.98 -11.69 3.81
N LEU B 17 -21.60 -12.61 4.54
CA LEU B 17 -22.15 -13.82 3.95
C LEU B 17 -23.38 -14.27 4.74
N ALA B 18 -24.47 -14.59 4.04
CA ALA B 18 -25.71 -14.93 4.70
C ALA B 18 -26.46 -16.01 3.96
N SER B 19 -27.25 -16.79 4.69
CA SER B 19 -28.13 -17.77 4.06
C SER B 19 -29.22 -17.09 3.24
N GLN B 20 -29.91 -16.11 3.82
CA GLN B 20 -31.15 -15.61 3.26
C GLN B 20 -31.01 -14.25 2.59
N ALA B 21 -30.33 -13.31 3.22
CA ALA B 21 -30.39 -11.95 2.71
C ALA B 21 -29.27 -11.11 3.29
N ILE B 22 -28.83 -10.11 2.52
CA ILE B 22 -27.98 -9.04 3.01
C ILE B 22 -28.64 -7.73 2.62
N THR B 23 -28.97 -6.90 3.59
CA THR B 23 -29.68 -5.66 3.33
C THR B 23 -28.90 -4.52 3.95
N THR B 24 -29.12 -3.32 3.41
CA THR B 24 -28.53 -2.13 3.98
C THR B 24 -29.46 -0.93 3.76
N THR B 25 -29.40 0.02 4.68
CA THR B 25 -29.91 1.35 4.43
C THR B 25 -28.86 2.15 3.67
N SER B 26 -29.21 3.39 3.32
CA SER B 26 -28.28 4.23 2.60
CA SER B 26 -28.27 4.21 2.59
C SER B 26 -27.07 4.57 3.47
N GLY B 27 -25.95 4.82 2.84
CA GLY B 27 -24.79 5.31 3.53
C GLY B 27 -23.81 4.28 4.05
N SER B 28 -23.90 3.03 3.60
CA SER B 28 -22.91 2.03 3.96
C SER B 28 -21.74 2.03 2.99
N ALA B 29 -20.60 1.54 3.48
CA ALA B 29 -19.39 1.41 2.67
C ALA B 29 -18.66 0.15 3.10
N ILE B 30 -18.53 -0.80 2.18
CA ILE B 30 -17.88 -2.07 2.46
C ILE B 30 -16.59 -2.15 1.64
N VAL B 31 -15.53 -2.67 2.25
CA VAL B 31 -14.20 -2.65 1.67
C VAL B 31 -13.53 -4.00 1.83
N ASP B 32 -12.92 -4.50 0.76
CA ASP B 32 -11.89 -5.54 0.77
C ASP B 32 -12.43 -6.95 0.98
N GLY B 33 -13.71 -7.19 0.76
CA GLY B 33 -14.24 -8.54 0.85
C GLY B 33 -15.45 -8.66 -0.03
N ASP B 34 -15.81 -9.90 -0.31
CA ASP B 34 -16.97 -10.20 -1.15
C ASP B 34 -18.25 -10.27 -0.31
N LEU B 35 -19.39 -10.24 -1.01
CA LEU B 35 -20.71 -10.42 -0.43
C LEU B 35 -21.33 -11.67 -1.02
N GLY B 36 -22.03 -12.43 -0.19
CA GLY B 36 -22.67 -13.62 -0.72
C GLY B 36 -23.98 -13.93 -0.03
N ILE B 37 -24.96 -14.38 -0.80
CA ILE B 37 -26.17 -15.00 -0.29
C ILE B 37 -26.17 -16.46 -0.75
N LEU B 38 -26.43 -17.38 0.18
CA LEU B 38 -26.24 -18.80 -0.07
C LEU B 38 -27.51 -19.54 -0.49
N ASP B 39 -28.68 -19.11 -0.02
CA ASP B 39 -29.87 -19.93 -0.16
C ASP B 39 -31.07 -19.15 -0.71
N GLN B 40 -30.81 -17.98 -1.31
CA GLN B 40 -31.84 -17.27 -2.07
C GLN B 40 -31.19 -16.58 -3.26
N ALA B 41 -32.03 -16.10 -4.16
CA ALA B 41 -31.58 -15.42 -5.37
C ALA B 41 -31.05 -14.02 -5.05
N ARG B 42 -30.33 -13.46 -6.03
CA ARG B 42 -29.81 -12.09 -5.96
C ARG B 42 -30.89 -11.08 -5.57
N SER B 43 -32.17 -11.37 -5.86
CA SER B 43 -33.21 -10.43 -5.48
C SER B 43 -33.30 -10.21 -3.97
N TYR B 44 -32.63 -11.02 -3.16
CA TYR B 44 -32.66 -10.84 -1.71
C TYR B 44 -31.57 -9.89 -1.21
N TYR B 45 -30.71 -9.36 -2.07
CA TYR B 45 -29.98 -8.15 -1.72
C TYR B 45 -30.95 -6.99 -1.72
N ALA B 46 -30.83 -6.12 -0.71
CA ALA B 46 -31.68 -4.94 -0.66
C ALA B 46 -30.88 -3.75 -0.18
N GLY B 47 -31.06 -2.60 -0.84
CA GLY B 47 -30.44 -1.36 -0.43
C GLY B 47 -29.14 -1.04 -1.13
N PHE B 48 -28.57 -1.97 -1.89
CA PHE B 48 -27.32 -1.76 -2.61
C PHE B 48 -27.56 -1.27 -4.03
N THR B 49 -26.55 -0.60 -4.58
CA THR B 49 -26.63 -0.01 -5.91
C THR B 49 -25.77 -0.78 -6.90
N PRO B 50 -26.36 -1.58 -7.78
CA PRO B 50 -25.57 -2.33 -8.77
C PRO B 50 -24.67 -1.40 -9.59
N GLY B 51 -23.42 -1.82 -9.76
CA GLY B 51 -22.46 -1.03 -10.50
C GLY B 51 -22.56 -1.30 -11.98
N VAL B 52 -21.72 -0.58 -12.73
CA VAL B 52 -21.64 -0.83 -14.16
C VAL B 52 -21.12 -2.25 -14.41
N ASN B 53 -20.20 -2.70 -13.56
CA ASN B 53 -19.58 -4.01 -13.74
C ASN B 53 -20.39 -5.08 -13.00
N ALA B 54 -20.61 -6.21 -13.66
CA ALA B 54 -21.43 -7.26 -13.09
C ALA B 54 -20.90 -7.74 -11.74
N GLY B 55 -21.77 -7.78 -10.74
CA GLY B 55 -21.42 -8.17 -9.40
C GLY B 55 -20.96 -7.04 -8.50
N GLU B 56 -20.63 -5.89 -9.07
CA GLU B 56 -20.19 -4.78 -8.25
C GLU B 56 -21.39 -4.05 -7.64
N PHE B 57 -21.16 -3.49 -6.46
CA PHE B 57 -22.10 -2.55 -5.86
C PHE B 57 -21.34 -1.25 -5.66
N ASP B 58 -22.02 -0.12 -5.82
CA ASP B 58 -21.33 1.15 -5.58
C ASP B 58 -20.85 1.26 -4.15
N GLU B 59 -21.54 0.61 -3.21
CA GLU B 59 -21.17 0.61 -1.80
C GLU B 59 -19.99 -0.29 -1.48
N LEU B 60 -19.55 -1.11 -2.44
CA LEU B 60 -18.57 -2.16 -2.17
C LEU B 60 -17.32 -1.91 -2.99
N THR B 61 -16.18 -1.76 -2.33
CA THR B 61 -14.91 -1.60 -3.02
CA THR B 61 -14.88 -1.55 -2.95
C THR B 61 -14.00 -2.78 -2.75
N ASN B 62 -13.26 -3.17 -3.78
CA ASN B 62 -12.36 -4.33 -3.74
C ASN B 62 -13.11 -5.59 -3.28
N GLY B 63 -14.25 -5.83 -3.92
CA GLY B 63 -15.03 -7.03 -3.65
C GLY B 63 -16.20 -7.08 -4.60
N LEU B 64 -16.78 -8.29 -4.70
CA LEU B 64 -17.94 -8.54 -5.55
C LEU B 64 -19.06 -9.16 -4.74
N SER B 65 -20.29 -9.09 -5.27
CA SER B 65 -21.43 -9.76 -4.69
C SER B 65 -21.76 -11.01 -5.50
N TYR B 66 -22.27 -12.03 -4.81
CA TYR B 66 -22.54 -13.33 -5.42
C TYR B 66 -23.91 -13.87 -4.98
N ALA B 67 -24.60 -14.52 -5.91
CA ALA B 67 -25.79 -15.30 -5.60
C ALA B 67 -25.88 -16.46 -6.57
N GLY B 68 -26.52 -17.54 -6.12
CA GLY B 68 -26.49 -18.78 -6.87
C GLY B 68 -27.22 -18.74 -8.20
N ASP B 69 -28.10 -17.76 -8.41
CA ASP B 69 -28.79 -17.61 -9.68
C ASP B 69 -28.01 -16.76 -10.68
N ASP B 70 -26.83 -16.28 -10.32
CA ASP B 70 -26.06 -15.43 -11.23
C ASP B 70 -25.66 -16.22 -12.46
N SER B 71 -26.08 -15.74 -13.62
CA SER B 71 -25.75 -16.38 -14.89
CA SER B 71 -25.75 -16.38 -14.89
C SER B 71 -24.44 -15.82 -15.46
N THR B 72 -23.82 -16.61 -16.32
CA THR B 72 -22.60 -16.21 -17.04
C THR B 72 -22.85 -16.34 -18.53
N PRO B 73 -22.84 -15.25 -19.32
CA PRO B 73 -22.78 -13.84 -18.91
C PRO B 73 -24.00 -13.45 -18.08
N PRO B 74 -23.92 -12.33 -17.34
CA PRO B 74 -22.84 -11.34 -17.26
C PRO B 74 -21.89 -11.55 -16.10
N TYR B 75 -22.22 -12.44 -15.18
CA TYR B 75 -21.42 -12.61 -13.99
C TYR B 75 -20.26 -13.57 -14.25
N VAL B 76 -19.31 -13.59 -13.33
CA VAL B 76 -18.09 -14.37 -13.47
C VAL B 76 -17.97 -15.32 -12.29
N VAL B 77 -17.77 -16.59 -12.58
CA VAL B 77 -17.64 -17.63 -11.56
C VAL B 77 -16.24 -17.57 -10.96
N PRO B 78 -16.10 -17.57 -9.63
CA PRO B 78 -14.76 -17.56 -9.03
C PRO B 78 -13.97 -18.82 -9.40
N VAL B 79 -12.68 -18.64 -9.70
CA VAL B 79 -11.80 -19.79 -9.90
C VAL B 79 -11.69 -20.51 -8.56
N PRO B 80 -11.56 -21.85 -8.56
CA PRO B 80 -11.52 -22.73 -9.72
C PRO B 80 -12.86 -23.43 -10.00
N TYR B 81 -13.95 -22.81 -9.62
CA TYR B 81 -15.24 -23.50 -9.63
C TYR B 81 -15.77 -23.63 -11.04
N ALA B 82 -16.43 -24.77 -11.30
CA ALA B 82 -17.01 -25.03 -12.61
C ALA B 82 -18.29 -24.24 -12.86
N SER B 83 -18.92 -23.73 -11.81
CA SER B 83 -20.22 -23.08 -11.92
C SER B 83 -20.44 -22.25 -10.67
N MET B 84 -21.34 -21.28 -10.77
CA MET B 84 -21.69 -20.49 -9.60
C MET B 84 -22.32 -21.37 -8.53
N VAL B 85 -23.10 -22.36 -8.94
CA VAL B 85 -23.69 -23.27 -7.96
C VAL B 85 -22.62 -23.97 -7.15
N ALA B 86 -21.55 -24.42 -7.81
CA ALA B 86 -20.46 -25.11 -7.12
C ALA B 86 -19.72 -24.19 -6.17
N PHE B 87 -19.52 -22.92 -6.56
CA PHE B 87 -18.92 -21.94 -5.66
C PHE B 87 -19.79 -21.72 -4.42
N ILE B 88 -21.10 -21.57 -4.63
CA ILE B 88 -22.00 -21.37 -3.50
C ILE B 88 -21.99 -22.61 -2.61
N ASN B 89 -21.91 -23.79 -3.23
CA ASN B 89 -21.94 -25.02 -2.43
C ASN B 89 -20.73 -25.13 -1.50
N GLN B 90 -19.53 -24.80 -2.01
CA GLN B 90 -18.35 -24.88 -1.16
C GLN B 90 -18.39 -23.82 -0.09
N SER B 91 -18.88 -22.62 -0.42
CA SER B 91 -19.02 -21.56 0.57
C SER B 91 -19.99 -21.96 1.68
N ARG B 92 -21.11 -22.59 1.31
CA ARG B 92 -22.07 -23.00 2.34
C ARG B 92 -21.50 -24.08 3.24
N THR B 93 -20.80 -25.06 2.66
CA THR B 93 -20.17 -26.11 3.45
C THR B 93 -19.11 -25.53 4.36
N ASP B 94 -18.25 -24.66 3.81
CA ASP B 94 -17.14 -24.13 4.60
C ASP B 94 -17.65 -23.21 5.72
N LEU B 95 -18.74 -22.49 5.50
CA LEU B 95 -19.32 -21.71 6.59
C LEU B 95 -19.81 -22.61 7.70
N GLY B 96 -20.50 -23.70 7.34
CA GLY B 96 -20.95 -24.65 8.34
C GLY B 96 -19.81 -25.27 9.12
N ILE B 97 -18.74 -25.65 8.42
CA ILE B 97 -17.56 -26.19 9.10
C ILE B 97 -17.00 -25.18 10.10
N ALA B 98 -16.90 -23.91 9.70
CA ALA B 98 -16.27 -22.90 10.54
C ALA B 98 -17.13 -22.56 11.74
N TYR B 99 -18.45 -22.46 11.55
CA TYR B 99 -19.34 -22.26 12.70
C TYR B 99 -19.19 -23.40 13.69
N ASN B 100 -19.22 -24.64 13.20
CA ASN B 100 -19.12 -25.82 14.05
C ASN B 100 -17.81 -25.85 14.82
N PHE B 101 -16.72 -25.42 14.16
CA PHE B 101 -15.43 -25.37 14.84
C PHE B 101 -15.52 -24.48 16.05
N LEU B 102 -16.07 -23.27 15.88
CA LEU B 102 -16.12 -22.30 16.95
C LEU B 102 -17.12 -22.69 18.03
N ALA B 103 -18.18 -23.39 17.66
CA ALA B 103 -19.19 -23.78 18.63
C ALA B 103 -18.79 -25.00 19.46
N ALA B 104 -17.85 -25.79 18.99
CA ALA B 104 -17.49 -27.02 19.69
C ALA B 104 -16.55 -26.72 20.85
N ASP B 105 -16.82 -27.34 22.00
CA ASP B 105 -16.04 -27.14 23.20
C ASP B 105 -15.37 -28.45 23.59
N PRO B 106 -14.05 -28.45 23.90
CA PRO B 106 -13.16 -27.29 23.91
C PRO B 106 -12.40 -27.06 22.62
N ASN B 107 -11.80 -25.88 22.48
CA ASN B 107 -10.88 -25.64 21.39
C ASN B 107 -9.78 -26.69 21.38
N PRO B 108 -9.34 -27.18 20.22
CA PRO B 108 -8.33 -28.25 20.19
C PRO B 108 -7.04 -27.90 20.94
N ASN B 109 -6.68 -26.62 21.04
CA ASN B 109 -5.37 -26.24 21.58
C ASN B 109 -5.42 -25.35 22.81
N ALA B 110 -6.60 -25.08 23.37
CA ALA B 110 -6.69 -24.21 24.54
C ALA B 110 -7.85 -24.63 25.42
N ALA B 111 -7.68 -24.43 26.72
CA ALA B 111 -8.76 -24.73 27.66
C ALA B 111 -9.75 -23.57 27.72
N THR B 112 -11.00 -23.91 28.00
CA THR B 112 -12.08 -22.94 27.96
C THR B 112 -12.12 -22.10 29.24
N GLN B 113 -12.34 -20.80 29.08
CA GLN B 113 -12.56 -19.87 30.17
C GLN B 113 -14.02 -19.42 30.17
N VAL B 114 -14.44 -18.83 31.28
CA VAL B 114 -15.82 -18.33 31.37
C VAL B 114 -15.91 -16.98 30.68
N CYS B 115 -16.87 -16.85 29.78
CA CYS B 115 -17.20 -15.54 29.21
C CYS B 115 -18.08 -14.77 30.18
N PRO B 116 -17.66 -13.60 30.67
CA PRO B 116 -18.55 -12.78 31.50
C PRO B 116 -19.78 -12.37 30.70
N ILE B 117 -20.93 -12.27 31.38
CA ILE B 117 -22.12 -11.90 30.64
C ILE B 117 -22.14 -10.42 30.27
N GLU B 118 -21.27 -9.61 30.86
CA GLU B 118 -21.07 -8.23 30.44
C GLU B 118 -19.58 -8.02 30.13
N LEU B 119 -19.28 -7.57 28.92
CA LEU B 119 -17.90 -7.41 28.49
C LEU B 119 -17.39 -5.98 28.57
N GLY B 120 -18.27 -5.01 28.85
CA GLY B 120 -17.82 -3.64 28.96
C GLY B 120 -16.91 -3.42 30.17
N ASN B 121 -15.96 -2.51 30.00
CA ASN B 121 -14.98 -2.13 31.04
C ASN B 121 -14.09 -3.29 31.45
N LEU B 122 -13.79 -4.18 30.51
CA LEU B 122 -12.92 -5.32 30.75
C LEU B 122 -11.75 -5.26 29.80
N THR B 123 -10.60 -5.75 30.27
CA THR B 123 -9.46 -6.05 29.42
C THR B 123 -9.22 -7.55 29.49
N LEU B 124 -9.34 -8.23 28.35
CA LEU B 124 -9.18 -9.67 28.28
C LEU B 124 -7.96 -10.03 27.43
N THR B 125 -7.22 -11.05 27.85
CA THR B 125 -6.14 -11.58 27.05
C THR B 125 -6.66 -12.73 26.17
N ARG B 126 -5.78 -13.32 25.38
N ARG B 126 -5.77 -13.31 25.38
CA ARG B 126 -6.24 -14.29 24.40
CA ARG B 126 -6.18 -14.32 24.40
C ARG B 126 -6.79 -15.53 25.10
C ARG B 126 -6.77 -15.55 25.10
N GLY B 127 -7.66 -16.23 24.39
CA GLY B 127 -8.23 -17.45 24.90
C GLY B 127 -9.59 -17.71 24.29
N VAL B 128 -10.25 -18.70 24.87
CA VAL B 128 -11.59 -19.14 24.47
C VAL B 128 -12.52 -18.83 25.64
N TYR B 129 -13.53 -18.00 25.40
CA TYR B 129 -14.42 -17.52 26.44
C TYR B 129 -15.83 -18.00 26.11
N LYS B 130 -16.37 -18.88 26.94
CA LYS B 130 -17.64 -19.55 26.67
C LYS B 130 -18.68 -19.23 27.73
N THR B 131 -19.92 -19.04 27.29
CA THR B 131 -21.06 -18.96 28.18
C THR B 131 -22.29 -19.42 27.43
N ALA B 132 -23.25 -19.95 28.17
CA ALA B 132 -24.54 -20.32 27.60
C ALA B 132 -25.53 -19.15 27.60
N ALA B 133 -25.19 -18.06 28.27
CA ALA B 133 -26.11 -16.95 28.45
C ALA B 133 -26.06 -15.98 27.27
N ASP B 134 -27.00 -15.03 27.29
CA ASP B 134 -26.85 -13.83 26.47
C ASP B 134 -25.70 -12.99 27.02
N VAL B 135 -25.00 -12.31 26.13
CA VAL B 135 -23.86 -11.48 26.50
C VAL B 135 -24.10 -10.06 26.01
N THR B 136 -23.85 -9.09 26.88
CA THR B 136 -23.92 -7.69 26.49
C THR B 136 -22.55 -7.06 26.55
N LEU B 137 -22.33 -6.05 25.70
CA LEU B 137 -21.13 -5.24 25.69
C LEU B 137 -21.64 -3.80 25.67
N GLN B 138 -21.88 -3.24 26.86
CA GLN B 138 -22.56 -1.95 26.89
C GLN B 138 -22.10 -1.04 28.02
N THR B 139 -21.54 -1.58 29.10
CA THR B 139 -21.19 -0.70 30.21
C THR B 139 -19.92 0.11 29.91
N GLY B 140 -19.17 -0.26 28.89
CA GLY B 140 -17.95 0.44 28.57
C GLY B 140 -17.29 -0.24 27.40
N THR B 141 -15.99 -0.02 27.27
CA THR B 141 -15.20 -0.58 26.18
C THR B 141 -14.67 -1.94 26.58
N LEU B 142 -14.67 -2.87 25.63
CA LEU B 142 -13.94 -4.13 25.79
C LEU B 142 -12.57 -3.95 25.14
N THR B 143 -11.52 -4.07 25.93
CA THR B 143 -10.15 -4.03 25.42
C THR B 143 -9.61 -5.45 25.32
N LEU B 144 -9.10 -5.79 24.14
CA LEU B 144 -8.52 -7.10 23.89
C LEU B 144 -7.02 -6.95 23.75
N ASP B 145 -6.28 -7.64 24.62
CA ASP B 145 -4.86 -7.43 24.84
C ASP B 145 -4.09 -8.63 24.31
N GLY B 146 -3.42 -8.44 23.16
CA GLY B 146 -2.62 -9.50 22.55
C GLY B 146 -1.34 -9.85 23.27
N GLU B 147 -1.03 -9.16 24.38
CA GLU B 147 0.17 -9.38 25.20
C GLU B 147 1.45 -9.37 24.37
N GLY B 148 1.45 -8.61 23.28
CA GLY B 148 2.63 -8.45 22.48
C GLY B 148 2.79 -9.42 21.33
N ASP B 149 1.83 -10.33 21.14
CA ASP B 149 1.92 -11.37 20.12
C ASP B 149 0.88 -11.07 19.06
N PRO B 150 1.27 -10.70 17.84
CA PRO B 150 0.27 -10.39 16.81
C PRO B 150 -0.58 -11.58 16.41
N ASP B 151 -0.15 -12.81 16.75
CA ASP B 151 -0.89 -14.01 16.42
C ASP B 151 -1.91 -14.41 17.49
N SER B 152 -2.02 -13.66 18.58
CA SER B 152 -2.95 -14.01 19.66
C SER B 152 -4.38 -14.13 19.14
N VAL B 153 -5.04 -15.23 19.49
CA VAL B 153 -6.38 -15.55 19.02
C VAL B 153 -7.37 -15.39 20.18
N PHE B 154 -8.49 -14.74 19.91
CA PHE B 154 -9.57 -14.56 20.87
C PHE B 154 -10.82 -15.20 20.30
N ILE B 155 -11.43 -16.14 21.03
CA ILE B 155 -12.67 -16.78 20.61
C ILE B 155 -13.71 -16.59 21.69
N PHE B 156 -14.81 -15.91 21.35
CA PHE B 156 -15.96 -15.78 22.24
C PHE B 156 -17.08 -16.64 21.69
N THR B 157 -17.56 -17.58 22.50
CA THR B 157 -18.53 -18.57 22.02
C THR B 157 -19.71 -18.61 22.97
N ILE B 158 -20.88 -18.23 22.45
CA ILE B 158 -21.98 -17.71 23.25
C ILE B 158 -23.24 -18.45 22.88
N GLY B 159 -23.93 -19.03 23.87
CA GLY B 159 -25.13 -19.82 23.65
C GLY B 159 -26.40 -19.03 23.44
N GLY B 160 -26.37 -17.73 23.70
CA GLY B 160 -27.51 -16.88 23.42
C GLY B 160 -27.12 -15.80 22.42
N ASN B 161 -27.55 -14.57 22.68
CA ASN B 161 -27.29 -13.46 21.78
C ASN B 161 -26.06 -12.70 22.25
N LEU B 162 -25.49 -11.92 21.33
CA LEU B 162 -24.48 -10.94 21.68
C LEU B 162 -25.00 -9.57 21.24
N THR B 163 -25.00 -8.62 22.18
CA THR B 163 -25.53 -7.28 21.91
C THR B 163 -24.58 -6.25 22.48
N SER B 164 -23.99 -5.43 21.62
CA SER B 164 -23.22 -4.27 22.08
C SER B 164 -24.08 -3.02 21.91
N GLY B 165 -23.81 -2.01 22.73
CA GLY B 165 -24.59 -0.78 22.63
C GLY B 165 -24.20 0.23 23.69
N ALA B 166 -25.00 1.29 23.74
CA ALA B 166 -24.68 2.43 24.58
C ALA B 166 -24.86 2.06 26.06
N PRO B 167 -24.11 2.74 26.97
CA PRO B 167 -23.21 3.88 26.73
C PRO B 167 -21.81 3.51 26.25
N GLY B 168 -21.46 2.22 26.31
CA GLY B 168 -20.16 1.78 25.85
C GLY B 168 -20.26 1.12 24.50
N GLY B 169 -19.83 -0.15 24.40
CA GLY B 169 -20.02 -0.93 23.19
C GLY B 169 -18.82 -1.01 22.26
N ASP B 170 -17.78 -0.21 22.47
CA ASP B 170 -16.63 -0.27 21.58
C ASP B 170 -15.70 -1.42 21.94
N ILE B 171 -14.96 -1.88 20.95
CA ILE B 171 -13.87 -2.84 21.13
C ILE B 171 -12.58 -2.13 20.74
N VAL B 172 -11.60 -2.17 21.63
CA VAL B 172 -10.27 -1.59 21.40
C VAL B 172 -9.25 -2.72 21.43
N LEU B 173 -8.32 -2.71 20.47
CA LEU B 173 -7.28 -3.72 20.35
C LEU B 173 -5.94 -3.12 20.72
N ILE B 174 -5.20 -3.79 21.61
CA ILE B 174 -3.87 -3.36 22.01
C ILE B 174 -2.89 -4.52 21.92
N ASN B 175 -1.60 -4.18 21.92
CA ASN B 175 -0.50 -5.12 22.11
C ASN B 175 -0.58 -6.31 21.16
N GLY B 176 -0.78 -6.02 19.87
CA GLY B 176 -0.73 -7.04 18.85
C GLY B 176 -2.05 -7.69 18.49
N ALA B 177 -3.10 -7.45 19.28
CA ALA B 177 -4.41 -7.99 18.94
C ALA B 177 -4.87 -7.43 17.60
N GLN B 178 -5.40 -8.32 16.75
CA GLN B 178 -5.82 -7.98 15.40
C GLN B 178 -7.22 -8.53 15.13
N ALA B 179 -8.03 -7.74 14.42
CA ALA B 179 -9.39 -8.15 14.07
C ALA B 179 -9.44 -9.51 13.39
N LYS B 180 -8.45 -9.81 12.54
CA LYS B 180 -8.50 -11.08 11.80
C LYS B 180 -8.38 -12.29 12.72
N ASN B 181 -7.89 -12.11 13.94
CA ASN B 181 -7.70 -13.18 14.89
C ASN B 181 -8.72 -13.20 16.01
N ILE B 182 -9.82 -12.44 15.86
CA ILE B 182 -10.91 -12.44 16.84
C ILE B 182 -12.15 -13.08 16.22
N TYR B 183 -12.82 -13.92 17.00
CA TYR B 183 -13.96 -14.71 16.52
C TYR B 183 -15.10 -14.64 17.52
N TRP B 184 -16.31 -14.38 17.02
CA TRP B 184 -17.53 -14.31 17.81
C TRP B 184 -18.49 -15.34 17.24
N ARG B 185 -18.93 -16.26 18.09
CA ARG B 185 -19.89 -17.30 17.72
C ARG B 185 -21.10 -17.16 18.63
N THR B 186 -22.26 -16.87 18.06
CA THR B 186 -23.49 -16.82 18.82
C THR B 186 -24.46 -17.85 18.29
N ALA B 187 -25.05 -18.63 19.19
CA ALA B 187 -26.15 -19.52 18.81
C ALA B 187 -27.41 -18.74 18.50
N GLY B 188 -27.53 -17.52 19.01
CA GLY B 188 -28.56 -16.57 18.66
C GLY B 188 -28.01 -15.55 17.69
N LYS B 189 -28.55 -14.33 17.77
CA LYS B 189 -28.12 -13.27 16.87
C LYS B 189 -27.01 -12.44 17.50
N THR B 190 -26.29 -11.71 16.64
CA THR B 190 -25.33 -10.71 17.05
C THR B 190 -25.85 -9.34 16.61
N VAL B 191 -25.92 -8.42 17.56
CA VAL B 191 -26.42 -7.07 17.36
C VAL B 191 -25.30 -6.11 17.74
N ILE B 192 -24.92 -5.24 16.82
CA ILE B 192 -23.79 -4.33 17.00
C ILE B 192 -24.34 -2.92 17.15
N GLY B 193 -24.02 -2.27 18.27
CA GLY B 193 -24.73 -1.07 18.66
C GLY B 193 -24.43 0.14 17.81
N THR B 194 -25.36 1.09 17.82
CA THR B 194 -25.23 2.32 17.05
C THR B 194 -23.91 3.03 17.32
N ASN B 195 -23.24 3.44 16.25
CA ASN B 195 -22.03 4.25 16.31
C ASN B 195 -20.96 3.65 17.20
N THR B 196 -20.87 2.32 17.22
CA THR B 196 -19.79 1.64 17.94
C THR B 196 -18.68 1.24 16.97
N ASN B 197 -17.53 0.90 17.56
CA ASN B 197 -16.40 0.33 16.84
C ASN B 197 -16.33 -1.13 17.23
N PHE B 198 -16.48 -2.02 16.25
CA PHE B 198 -16.50 -3.45 16.48
C PHE B 198 -15.37 -4.11 15.72
N SER B 199 -14.72 -5.10 16.33
CA SER B 199 -13.64 -5.86 15.71
C SER B 199 -13.91 -7.34 15.82
N GLY B 200 -13.79 -8.07 14.71
CA GLY B 200 -13.73 -9.51 14.74
C GLY B 200 -14.63 -10.16 13.70
N ASN B 201 -14.48 -11.47 13.60
CA ASN B 201 -15.24 -12.29 12.67
C ASN B 201 -16.48 -12.83 13.39
N VAL B 202 -17.67 -12.43 12.93
CA VAL B 202 -18.93 -12.80 13.58
C VAL B 202 -19.54 -13.99 12.86
N PHE B 203 -19.78 -15.07 13.61
CA PHE B 203 -20.47 -16.27 13.16
C PHE B 203 -21.75 -16.37 13.98
N ALA B 204 -22.82 -15.75 13.49
CA ALA B 204 -24.13 -15.79 14.13
C ALA B 204 -24.96 -16.90 13.51
N TRP B 205 -25.47 -17.80 14.34
CA TRP B 205 -26.30 -18.88 13.80
C TRP B 205 -27.52 -18.33 13.10
N SER B 206 -28.16 -17.30 13.67
CA SER B 206 -29.36 -16.74 13.07
C SER B 206 -29.02 -15.53 12.22
N GLU B 207 -28.99 -14.33 12.81
CA GLU B 207 -28.78 -13.11 12.02
C GLU B 207 -27.77 -12.18 12.69
N VAL B 208 -27.18 -11.30 11.88
CA VAL B 208 -26.34 -10.21 12.35
C VAL B 208 -27.05 -8.90 12.01
N ASN B 209 -27.25 -8.05 13.03
CA ASN B 209 -27.90 -6.76 12.85
C ASN B 209 -26.92 -5.68 13.29
N VAL B 210 -26.42 -4.91 12.34
CA VAL B 210 -25.48 -3.83 12.62
C VAL B 210 -26.27 -2.52 12.62
N ARG B 211 -26.23 -1.82 13.74
CA ARG B 211 -27.09 -0.66 13.93
C ARG B 211 -26.38 0.62 13.48
N THR B 212 -27.14 1.71 13.49
CA THR B 212 -26.80 2.91 12.71
C THR B 212 -25.38 3.39 12.97
N GLY B 213 -24.59 3.53 11.90
CA GLY B 213 -23.32 4.21 11.97
C GLY B 213 -22.15 3.41 12.53
N ALA B 214 -22.38 2.17 12.97
CA ALA B 214 -21.29 1.38 13.52
C ALA B 214 -20.22 1.08 12.48
N ASN B 215 -18.98 0.98 12.97
CA ASN B 215 -17.81 0.62 12.18
CA ASN B 215 -17.81 0.62 12.17
C ASN B 215 -17.42 -0.81 12.50
N VAL B 216 -17.26 -1.65 11.47
CA VAL B 216 -16.89 -3.04 11.67
C VAL B 216 -15.60 -3.33 10.90
N THR B 217 -14.63 -3.91 11.60
CA THR B 217 -13.44 -4.47 10.97
C THR B 217 -13.45 -5.96 11.30
N GLY B 218 -13.62 -6.80 10.29
CA GLY B 218 -13.73 -8.24 10.52
C GLY B 218 -14.53 -8.90 9.42
N ARG B 219 -15.48 -9.77 9.77
CA ARG B 219 -16.39 -10.40 8.82
C ARG B 219 -17.74 -10.57 9.50
N LEU B 220 -18.81 -10.63 8.71
CA LEU B 220 -20.16 -10.78 9.24
C LEU B 220 -20.83 -11.96 8.56
N PHE B 221 -21.05 -13.05 9.31
CA PHE B 221 -21.68 -14.26 8.79
C PHE B 221 -22.99 -14.54 9.52
N ALA B 222 -24.06 -14.77 8.75
CA ALA B 222 -25.33 -15.23 9.29
C ALA B 222 -25.62 -16.61 8.71
N VAL B 223 -25.53 -17.65 9.56
CA VAL B 223 -25.50 -19.01 9.04
C VAL B 223 -26.86 -19.42 8.47
N THR B 224 -27.96 -19.06 9.15
CA THR B 224 -29.27 -19.46 8.67
C THR B 224 -30.19 -18.32 8.26
N ASP B 225 -29.86 -17.06 8.56
CA ASP B 225 -30.75 -15.97 8.19
C ASP B 225 -30.01 -14.85 7.45
N GLN B 226 -29.95 -13.66 8.04
CA GLN B 226 -29.61 -12.45 7.30
C GLN B 226 -28.56 -11.61 8.01
N VAL B 227 -27.87 -10.80 7.23
CA VAL B 227 -27.03 -9.72 7.75
C VAL B 227 -27.68 -8.41 7.34
N THR B 228 -27.95 -7.54 8.30
CA THR B 228 -28.55 -6.25 7.98
C THR B 228 -27.61 -5.14 8.44
N LEU B 229 -27.49 -4.12 7.61
CA LEU B 229 -26.66 -2.96 7.89
C LEU B 229 -27.54 -1.71 8.00
N ASP B 230 -27.08 -0.77 8.82
CA ASP B 230 -27.68 0.56 8.86
C ASP B 230 -26.53 1.56 8.79
N ALA B 231 -26.20 1.99 7.58
CA ALA B 231 -25.21 3.03 7.32
C ALA B 231 -23.88 2.73 8.02
N ASN B 232 -23.30 1.58 7.68
CA ASN B 232 -22.10 1.09 8.33
C ASN B 232 -20.89 1.10 7.40
N ALA B 233 -19.74 1.34 8.00
CA ALA B 233 -18.46 1.12 7.35
C ALA B 233 -17.98 -0.26 7.76
N VAL B 234 -17.85 -1.16 6.80
CA VAL B 234 -17.47 -2.55 7.06
C VAL B 234 -16.19 -2.82 6.27
N THR B 235 -15.14 -3.23 6.96
CA THR B 235 -13.88 -3.53 6.32
C THR B 235 -13.48 -4.95 6.66
N LYS B 236 -13.25 -5.76 5.62
CA LYS B 236 -12.82 -7.13 5.87
C LYS B 236 -11.42 -7.15 6.43
N ALA B 237 -11.21 -7.91 7.49
CA ALA B 237 -9.88 -8.06 8.06
C ALA B 237 -8.99 -8.84 7.10
N ASN B 238 -7.73 -8.39 6.97
CA ASN B 238 -6.81 -9.00 6.03
C ASN B 238 -6.58 -10.48 6.34
N LEU B 239 -6.10 -11.20 5.34
CA LEU B 239 -5.77 -12.61 5.51
C LEU B 239 -4.37 -12.77 6.09
#